data_7NZG
#
_entry.id   7NZG
#
_cell.length_a   82.369
_cell.length_b   112.223
_cell.length_c   62.634
_cell.angle_alpha   90.000
_cell.angle_beta   90.000
_cell.angle_gamma   90.000
#
_symmetry.space_group_name_H-M   'C 2 2 21'
#
loop_
_entity.id
_entity.type
_entity.pdbx_description
1 polymer '14-3-3 protein sigma'
2 polymer 'Transcription factor p65'
3 non-polymer 4-(4-methoxypiperidin-1-yl)sulfonylbenzaldehyde
4 non-polymer 'CALCIUM ION'
5 water water
#
loop_
_entity_poly.entity_id
_entity_poly.type
_entity_poly.pdbx_seq_one_letter_code
_entity_poly.pdbx_strand_id
1 'polypeptide(L)'
;GAMGSMERASLIQKAKLAEQAERYEDMAAFMKGAVEKGEELS(CSO)EERNLLSVAYKNVVGGQRAAWRVLSSIEQKSNE
EGSEEKGPEVREYREKVETELQGVCDTVLGLLDSHLIKEAGDAESRVFYLKMKGDYYRYLAEVATGDDKKRIIDSARSAY
QEAMDISKKEMPPTNPIRLGLALNFSVFHYEIANSPEEAISLAKTTFDEAMADLHTLSEDSYKDSTLIMQLLRDNLTLWT
;
A
2 'polypeptide(L)' EGRSAG(SEP)IPGRRS P
#
# COMPACT_ATOMS: atom_id res chain seq x y z
N ALA A 2 18.77 -14.05 -2.42
CA ALA A 2 18.66 -15.30 -1.69
C ALA A 2 17.85 -16.31 -2.49
N MET A 3 16.99 -15.80 -3.37
CA MET A 3 16.14 -16.65 -4.19
C MET A 3 16.69 -16.80 -5.61
N GLY A 4 17.94 -16.40 -5.83
CA GLY A 4 18.53 -16.38 -7.16
C GLY A 4 18.56 -17.73 -7.86
N SER A 5 18.62 -18.82 -7.12
N SER A 5 18.60 -18.82 -7.12
CA SER A 5 18.69 -20.13 -7.78
CA SER A 5 18.68 -20.14 -7.72
C SER A 5 17.32 -20.72 -8.07
C SER A 5 17.32 -20.73 -8.05
N MET A 6 16.23 -20.11 -7.64
CA MET A 6 14.91 -20.67 -7.89
C MET A 6 14.29 -20.06 -9.14
N GLU A 7 13.65 -20.89 -9.94
CA GLU A 7 12.97 -20.40 -11.14
C GLU A 7 11.91 -19.36 -10.80
N ARG A 8 11.74 -18.38 -11.69
CA ARG A 8 10.69 -17.38 -11.51
C ARG A 8 9.33 -18.05 -11.30
N ALA A 9 8.98 -19.03 -12.13
CA ALA A 9 7.65 -19.60 -12.05
C ALA A 9 7.44 -20.34 -10.74
N SER A 10 8.52 -20.95 -10.23
CA SER A 10 8.48 -21.63 -8.93
C SER A 10 8.31 -20.64 -7.78
N LEU A 11 8.97 -19.47 -7.85
CA LEU A 11 8.76 -18.44 -6.84
C LEU A 11 7.31 -17.98 -6.82
N ILE A 12 6.71 -17.78 -8.00
N ILE A 12 6.68 -17.83 -7.98
CA ILE A 12 5.32 -17.36 -8.07
CA ILE A 12 5.31 -17.37 -7.99
C ILE A 12 4.40 -18.43 -7.49
C ILE A 12 4.36 -18.44 -7.50
N GLN A 13 4.63 -19.70 -7.86
CA GLN A 13 3.82 -20.79 -7.32
C GLN A 13 3.93 -20.87 -5.80
N LYS A 14 5.15 -20.75 -5.28
CA LYS A 14 5.36 -20.80 -3.83
C LYS A 14 4.77 -19.58 -3.13
N ALA A 15 4.76 -18.41 -3.77
CA ALA A 15 4.09 -17.26 -3.17
C ALA A 15 2.60 -17.54 -3.00
N LYS A 16 1.98 -18.21 -3.99
CA LYS A 16 0.56 -18.52 -3.85
C LYS A 16 0.31 -19.55 -2.76
N LEU A 17 1.21 -20.53 -2.64
CA LEU A 17 1.10 -21.52 -1.56
C LEU A 17 1.29 -20.84 -0.21
N ALA A 18 2.28 -19.95 -0.10
CA ALA A 18 2.52 -19.24 1.15
C ALA A 18 1.30 -18.42 1.55
N GLU A 19 0.63 -17.77 0.59
CA GLU A 19 -0.60 -17.08 0.92
C GLU A 19 -1.64 -18.03 1.52
N GLN A 20 -1.84 -19.19 0.89
CA GLN A 20 -2.80 -20.17 1.40
C GLN A 20 -2.45 -20.62 2.80
N ALA A 21 -1.16 -20.73 3.10
CA ALA A 21 -0.67 -21.17 4.39
C ALA A 21 -0.56 -20.02 5.40
N GLU A 22 -0.93 -18.80 4.99
CA GLU A 22 -0.83 -17.61 5.84
C GLU A 22 0.61 -17.38 6.33
N ARG A 23 1.56 -17.60 5.43
CA ARG A 23 2.98 -17.44 5.69
C ARG A 23 3.42 -16.22 4.88
N TYR A 24 3.10 -15.04 5.41
CA TYR A 24 3.27 -13.84 4.61
C TYR A 24 4.70 -13.37 4.48
N GLU A 25 5.53 -13.60 5.50
N GLU A 25 5.53 -13.61 5.50
CA GLU A 25 6.96 -13.31 5.34
CA GLU A 25 6.95 -13.33 5.37
C GLU A 25 7.55 -14.15 4.23
C GLU A 25 7.56 -14.16 4.24
N ASP A 26 7.22 -15.45 4.18
CA ASP A 26 7.70 -16.27 3.07
C ASP A 26 7.16 -15.75 1.75
N MET A 27 5.86 -15.41 1.73
CA MET A 27 5.24 -14.88 0.52
C MET A 27 5.97 -13.67 0.00
N ALA A 28 6.34 -12.76 0.90
CA ALA A 28 7.04 -11.56 0.47
C ALA A 28 8.42 -11.90 -0.04
N ALA A 29 9.12 -12.84 0.62
CA ALA A 29 10.44 -13.21 0.15
C ALA A 29 10.39 -13.86 -1.24
N PHE A 30 9.38 -14.72 -1.50
CA PHE A 30 9.24 -15.31 -2.82
C PHE A 30 8.97 -14.23 -3.86
N MET A 31 8.08 -13.27 -3.54
CA MET A 31 7.76 -12.24 -4.53
C MET A 31 8.92 -11.28 -4.73
N LYS A 32 9.70 -10.96 -3.68
CA LYS A 32 10.92 -10.20 -3.89
C LYS A 32 11.86 -10.93 -4.85
N GLY A 33 12.02 -12.24 -4.64
CA GLY A 33 12.83 -13.03 -5.57
C GLY A 33 12.30 -12.94 -6.99
N ALA A 34 10.98 -13.02 -7.15
CA ALA A 34 10.41 -12.94 -8.50
C ALA A 34 10.67 -11.58 -9.12
N VAL A 35 10.51 -10.48 -8.37
CA VAL A 35 10.79 -9.16 -8.92
C VAL A 35 12.24 -9.08 -9.35
N GLU A 36 13.15 -9.62 -8.55
CA GLU A 36 14.57 -9.51 -8.84
C GLU A 36 14.99 -10.33 -10.05
N LYS A 37 14.12 -11.17 -10.60
CA LYS A 37 14.43 -11.80 -11.87
C LYS A 37 14.52 -10.78 -13.00
N GLY A 38 13.95 -9.60 -12.81
CA GLY A 38 14.12 -8.52 -13.75
C GLY A 38 13.03 -8.36 -14.77
N GLU A 39 12.10 -9.30 -14.87
N GLU A 39 12.10 -9.30 -14.87
CA GLU A 39 11.00 -9.19 -15.80
CA GLU A 39 11.01 -9.17 -15.82
C GLU A 39 9.87 -8.36 -15.18
C GLU A 39 9.87 -8.37 -15.18
N GLU A 40 9.10 -7.70 -16.02
CA GLU A 40 7.89 -7.03 -15.54
C GLU A 40 6.92 -8.06 -14.93
N LEU A 41 6.01 -7.57 -14.08
CA LEU A 41 5.03 -8.41 -13.40
C LEU A 41 3.67 -8.28 -14.09
N SER A 42 2.96 -9.38 -14.18
CA SER A 42 1.59 -9.36 -14.64
C SER A 42 0.66 -8.76 -13.56
N GLU A 44 -1.74 -10.25 -11.92
CA GLU A 44 -1.89 -11.16 -10.79
C GLU A 44 -0.60 -11.16 -9.95
N GLU A 45 0.57 -11.09 -10.60
CA GLU A 45 1.84 -11.06 -9.88
C GLU A 45 1.99 -9.77 -9.07
N ARG A 46 1.55 -8.63 -9.62
CA ARG A 46 1.59 -7.38 -8.86
C ARG A 46 0.74 -7.50 -7.61
N ASN A 47 -0.43 -8.12 -7.73
CA ASN A 47 -1.29 -8.31 -6.58
C ASN A 47 -0.62 -9.20 -5.55
N LEU A 48 0.08 -10.27 -5.98
CA LEU A 48 0.74 -11.11 -5.00
C LEU A 48 1.82 -10.33 -4.26
N LEU A 49 2.60 -9.53 -4.98
CA LEU A 49 3.63 -8.70 -4.33
C LEU A 49 3.00 -7.78 -3.30
N SER A 50 1.91 -7.09 -3.70
CA SER A 50 1.28 -6.14 -2.81
C SER A 50 0.66 -6.80 -1.61
N VAL A 51 -0.04 -7.92 -1.80
CA VAL A 51 -0.69 -8.62 -0.68
C VAL A 51 0.38 -9.07 0.32
N ALA A 52 1.48 -9.61 -0.18
CA ALA A 52 2.51 -10.13 0.72
C ALA A 52 3.03 -9.04 1.63
N TYR A 53 3.48 -7.93 1.03
CA TYR A 53 4.05 -6.86 1.83
C TYR A 53 3.00 -6.14 2.66
N LYS A 54 1.76 -6.04 2.21
CA LYS A 54 0.78 -5.35 3.03
C LYS A 54 0.54 -6.14 4.29
N ASN A 55 0.53 -7.47 4.20
CA ASN A 55 0.36 -8.30 5.39
C ASN A 55 1.56 -8.20 6.31
N VAL A 56 2.79 -8.22 5.77
CA VAL A 56 3.96 -8.14 6.63
C VAL A 56 3.98 -6.81 7.36
N VAL A 57 3.89 -5.71 6.61
N VAL A 57 3.91 -5.71 6.61
CA VAL A 57 3.97 -4.42 7.25
CA VAL A 57 3.95 -4.40 7.25
C VAL A 57 2.72 -4.14 8.07
C VAL A 57 2.72 -4.17 8.10
N GLY A 58 1.57 -4.73 7.72
CA GLY A 58 0.38 -4.52 8.54
C GLY A 58 0.55 -5.10 9.94
N GLY A 59 1.20 -6.25 10.05
CA GLY A 59 1.44 -6.80 11.39
C GLY A 59 2.47 -5.99 12.14
N GLN A 60 3.48 -5.47 11.44
CA GLN A 60 4.47 -4.63 12.11
C GLN A 60 3.83 -3.34 12.61
N ARG A 61 2.97 -2.73 11.80
CA ARG A 61 2.31 -1.49 12.19
C ARG A 61 1.42 -1.72 13.40
N ALA A 62 0.68 -2.82 13.40
CA ALA A 62 -0.19 -3.10 14.54
C ALA A 62 0.65 -3.28 15.80
N ALA A 63 1.79 -3.97 15.71
CA ALA A 63 2.66 -4.15 16.86
C ALA A 63 3.26 -2.82 17.32
N TRP A 64 3.71 -2.00 16.37
CA TRP A 64 4.26 -0.68 16.70
C TRP A 64 3.24 0.16 17.42
N ARG A 65 1.97 0.11 16.99
CA ARG A 65 0.94 0.90 17.65
C ARG A 65 0.71 0.43 19.08
N VAL A 66 0.73 -0.89 19.31
CA VAL A 66 0.56 -1.40 20.68
C VAL A 66 1.69 -0.90 21.56
N LEU A 67 2.92 -1.00 21.07
CA LEU A 67 4.08 -0.60 21.85
C LEU A 67 4.14 0.91 22.04
N SER A 68 3.80 1.68 21.01
N SER A 68 3.81 1.69 21.01
CA SER A 68 3.81 3.13 21.14
CA SER A 68 3.81 3.14 21.19
C SER A 68 2.79 3.59 22.18
C SER A 68 2.79 3.57 22.23
N SER A 69 1.65 2.91 22.26
CA SER A 69 0.63 3.25 23.25
C SER A 69 1.13 2.94 24.65
N ILE A 70 1.78 1.79 24.84
CA ILE A 70 2.33 1.47 26.15
C ILE A 70 3.41 2.48 26.54
N GLU A 71 4.23 2.87 25.58
CA GLU A 71 5.33 3.81 25.84
C GLU A 71 4.78 5.18 26.22
N GLN A 72 3.71 5.61 25.57
CA GLN A 72 3.13 6.91 25.86
C GLN A 72 2.47 6.94 27.24
N LYS A 73 1.81 5.84 27.61
CA LYS A 73 1.27 5.74 28.96
C LYS A 73 2.38 5.81 30.01
N SER A 74 3.48 5.08 29.78
CA SER A 74 4.58 5.05 30.72
C SER A 74 5.28 6.41 30.86
N ASN A 75 5.04 7.32 29.91
CA ASN A 75 5.62 8.66 29.99
C ASN A 75 4.58 9.66 30.50
N GLY A 83 11.85 1.64 33.11
CA GLY A 83 13.13 1.39 32.48
C GLY A 83 13.10 1.61 30.98
N PRO A 84 14.22 1.35 30.30
CA PRO A 84 14.30 1.60 28.86
C PRO A 84 13.62 0.55 27.98
N GLU A 85 13.04 -0.51 28.54
CA GLU A 85 12.65 -1.68 27.74
C GLU A 85 11.55 -1.37 26.73
N VAL A 86 10.52 -0.61 27.12
CA VAL A 86 9.42 -0.38 26.18
C VAL A 86 9.92 0.42 24.99
N ARG A 87 10.66 1.49 25.25
CA ARG A 87 11.21 2.27 24.15
C ARG A 87 12.16 1.44 23.31
N GLU A 88 13.03 0.63 23.95
CA GLU A 88 13.96 -0.18 23.18
C GLU A 88 13.23 -1.14 22.27
N TYR A 89 12.18 -1.77 22.77
CA TYR A 89 11.47 -2.76 21.96
C TYR A 89 10.63 -2.07 20.89
N ARG A 90 10.00 -0.93 21.21
CA ARG A 90 9.31 -0.16 20.17
C ARG A 90 10.30 0.23 19.07
N GLU A 91 11.52 0.63 19.45
CA GLU A 91 12.53 1.01 18.47
C GLU A 91 12.93 -0.19 17.61
N LYS A 92 13.03 -1.38 18.21
CA LYS A 92 13.38 -2.55 17.44
C LYS A 92 12.32 -2.84 16.38
N VAL A 93 11.05 -2.84 16.78
CA VAL A 93 9.96 -3.08 15.85
C VAL A 93 9.93 -1.99 14.79
N GLU A 94 10.16 -0.75 15.19
CA GLU A 94 10.18 0.36 14.26
C GLU A 94 11.26 0.18 13.21
N THR A 95 12.46 -0.23 13.62
CA THR A 95 13.55 -0.40 12.67
C THR A 95 13.22 -1.52 11.69
N GLU A 96 12.59 -2.59 12.17
N GLU A 96 12.60 -2.59 12.18
CA GLU A 96 12.23 -3.70 11.27
CA GLU A 96 12.23 -3.70 11.30
C GLU A 96 11.18 -3.26 10.27
C GLU A 96 11.19 -3.24 10.28
N LEU A 97 10.19 -2.48 10.74
CA LEU A 97 9.18 -1.92 9.85
C LEU A 97 9.81 -1.03 8.79
N GLN A 98 10.70 -0.13 9.20
CA GLN A 98 11.37 0.75 8.26
C GLN A 98 12.16 -0.07 7.25
N GLY A 99 12.78 -1.17 7.69
CA GLY A 99 13.53 -1.98 6.77
C GLY A 99 12.66 -2.63 5.70
N VAL A 100 11.48 -3.12 6.09
CA VAL A 100 10.55 -3.69 5.11
C VAL A 100 10.07 -2.60 4.14
N CYS A 101 9.72 -1.41 4.65
CA CYS A 101 9.30 -0.36 3.75
C CYS A 101 10.40 0.02 2.78
N ASP A 102 11.65 0.13 3.27
CA ASP A 102 12.77 0.42 2.39
C ASP A 102 12.98 -0.67 1.35
N THR A 103 12.74 -1.91 1.72
CA THR A 103 12.88 -3.00 0.75
C THR A 103 11.87 -2.87 -0.36
N VAL A 104 10.60 -2.62 -0.02
CA VAL A 104 9.56 -2.47 -1.04
C VAL A 104 9.88 -1.26 -1.92
N LEU A 105 10.21 -0.12 -1.30
CA LEU A 105 10.54 1.05 -2.06
C LEU A 105 11.72 0.79 -2.99
N GLY A 106 12.67 -0.03 -2.55
CA GLY A 106 13.80 -0.33 -3.40
C GLY A 106 13.42 -1.19 -4.59
N LEU A 107 12.48 -2.12 -4.41
CA LEU A 107 11.98 -2.88 -5.56
C LEU A 107 11.28 -1.97 -6.55
N LEU A 108 10.48 -1.02 -6.03
CA LEU A 108 9.77 -0.12 -6.93
C LEU A 108 10.74 0.76 -7.70
N ASP A 109 11.83 1.19 -7.06
CA ASP A 109 12.82 2.03 -7.70
C ASP A 109 13.81 1.24 -8.55
N SER A 110 13.94 -0.07 -8.35
CA SER A 110 14.94 -0.88 -9.06
C SER A 110 14.30 -2.22 -9.42
N HIS A 111 13.48 -2.26 -10.48
CA HIS A 111 13.23 -1.18 -11.44
C HIS A 111 11.77 -1.20 -11.89
N LEU A 112 10.85 -1.52 -10.96
CA LEU A 112 9.47 -1.75 -11.36
C LEU A 112 8.81 -0.50 -11.97
N ILE A 113 8.95 0.66 -11.33
CA ILE A 113 8.28 1.85 -11.84
C ILE A 113 8.81 2.26 -13.20
N LYS A 114 10.13 2.30 -13.36
CA LYS A 114 10.66 2.84 -14.60
C LYS A 114 10.29 1.96 -15.79
N GLU A 115 10.05 0.67 -15.58
CA GLU A 115 9.68 -0.20 -16.67
C GLU A 115 8.18 -0.28 -16.91
N ALA A 116 7.38 0.36 -16.04
CA ALA A 116 5.92 0.27 -16.10
C ALA A 116 5.38 1.36 -17.03
N GLY A 117 4.91 0.94 -18.20
CA GLY A 117 4.45 1.90 -19.21
C GLY A 117 2.94 1.96 -19.31
N ASP A 118 2.27 0.86 -19.02
CA ASP A 118 0.83 0.92 -19.10
C ASP A 118 0.30 1.61 -17.85
N ALA A 119 -0.83 2.28 -18.00
CA ALA A 119 -1.40 3.01 -16.87
C ALA A 119 -1.69 2.09 -15.70
N GLU A 120 -2.20 0.89 -15.97
CA GLU A 120 -2.59 0.00 -14.89
C GLU A 120 -1.38 -0.37 -14.04
N SER A 121 -0.26 -0.65 -14.66
N SER A 121 -0.26 -0.66 -14.67
CA SER A 121 0.91 -1.04 -13.86
CA SER A 121 0.93 -1.03 -13.92
C SER A 121 1.53 0.17 -13.20
C SER A 121 1.52 0.18 -13.21
N ARG A 122 1.66 1.29 -13.92
CA ARG A 122 2.33 2.45 -13.36
C ARG A 122 1.55 3.03 -12.18
N VAL A 123 0.23 3.15 -12.31
CA VAL A 123 -0.59 3.62 -11.20
C VAL A 123 -0.47 2.67 -10.00
N PHE A 124 -0.52 1.36 -10.24
CA PHE A 124 -0.41 0.39 -9.14
C PHE A 124 0.88 0.60 -8.36
N TYR A 125 2.00 0.73 -9.08
CA TYR A 125 3.30 0.86 -8.39
C TYR A 125 3.44 2.19 -7.70
N LEU A 126 2.92 3.28 -8.30
CA LEU A 126 3.00 4.58 -7.63
C LEU A 126 2.12 4.63 -6.39
N LYS A 127 0.95 3.96 -6.43
CA LYS A 127 0.13 3.82 -5.23
C LYS A 127 0.90 3.07 -4.15
N MET A 128 1.58 1.98 -4.52
CA MET A 128 2.43 1.28 -3.54
C MET A 128 3.48 2.23 -2.96
N LYS A 129 4.13 3.01 -3.82
CA LYS A 129 5.16 3.92 -3.37
C LYS A 129 4.59 4.91 -2.35
N GLY A 130 3.40 5.47 -2.65
CA GLY A 130 2.76 6.36 -1.68
C GLY A 130 2.46 5.66 -0.37
N ASP A 131 1.93 4.44 -0.43
CA ASP A 131 1.59 3.67 0.76
C ASP A 131 2.81 3.44 1.65
N TYR A 132 3.94 3.01 1.05
CA TYR A 132 5.09 2.65 1.89
C TYR A 132 5.78 3.89 2.44
N TYR A 133 5.78 5.02 1.70
CA TYR A 133 6.22 6.25 2.33
C TYR A 133 5.25 6.68 3.43
N ARG A 134 3.94 6.44 3.25
CA ARG A 134 2.99 6.76 4.31
C ARG A 134 3.27 5.95 5.58
N TYR A 135 3.59 4.66 5.42
CA TYR A 135 3.93 3.86 6.61
C TYR A 135 5.22 4.37 7.25
N LEU A 136 6.22 4.77 6.44
CA LEU A 136 7.39 5.43 7.03
C LEU A 136 6.99 6.70 7.78
N ALA A 137 6.05 7.48 7.23
CA ALA A 137 5.65 8.75 7.87
C ALA A 137 4.97 8.48 9.20
N GLU A 138 4.25 7.38 9.32
CA GLU A 138 3.53 7.09 10.57
C GLU A 138 4.47 6.99 11.76
N VAL A 139 5.73 6.58 11.54
CA VAL A 139 6.71 6.38 12.62
C VAL A 139 7.77 7.44 12.62
N ALA A 140 7.73 8.38 11.69
CA ALA A 140 8.76 9.40 11.60
C ALA A 140 8.45 10.57 12.55
N THR A 141 9.51 11.28 12.92
CA THR A 141 9.36 12.46 13.75
C THR A 141 10.04 13.67 13.09
N GLY A 142 9.49 14.85 13.36
CA GLY A 142 10.23 16.09 13.08
C GLY A 142 10.37 16.40 11.61
N ASP A 143 11.61 16.73 11.21
CA ASP A 143 11.90 17.20 9.86
C ASP A 143 12.08 16.07 8.85
N ASP A 144 12.74 14.97 9.26
CA ASP A 144 12.67 13.74 8.47
C ASP A 144 11.23 13.44 8.10
N LYS A 145 10.32 13.66 9.04
CA LYS A 145 8.92 13.44 8.77
C LYS A 145 8.45 14.29 7.58
N LYS A 146 8.89 15.55 7.50
CA LYS A 146 8.39 16.40 6.42
C LYS A 146 8.77 15.87 5.05
N ARG A 147 10.03 15.44 4.88
CA ARG A 147 10.44 14.99 3.56
C ARG A 147 9.77 13.66 3.21
N ILE A 148 9.58 12.81 4.21
CA ILE A 148 8.91 11.53 3.97
C ILE A 148 7.47 11.77 3.56
N ILE A 149 6.78 12.69 4.25
CA ILE A 149 5.41 13.04 3.90
C ILE A 149 5.37 13.57 2.49
N ASP A 150 6.33 14.39 2.09
CA ASP A 150 6.26 14.91 0.74
C ASP A 150 6.52 13.82 -0.29
N SER A 151 7.36 12.84 0.04
CA SER A 151 7.57 11.74 -0.89
C SER A 151 6.30 10.93 -1.08
N ALA A 152 5.54 10.70 0.00
CA ALA A 152 4.27 9.98 -0.14
C ALA A 152 3.32 10.80 -1.02
N ARG A 153 3.21 12.10 -0.71
N ARG A 153 3.21 12.10 -0.71
CA ARG A 153 2.30 12.97 -1.44
CA ARG A 153 2.29 12.96 -1.43
C ARG A 153 2.64 12.97 -2.92
C ARG A 153 2.63 12.98 -2.91
N SER A 154 3.92 13.09 -3.24
CA SER A 154 4.32 13.18 -4.63
C SER A 154 3.98 11.90 -5.41
N ALA A 155 4.21 10.74 -4.79
CA ALA A 155 3.89 9.47 -5.44
C ALA A 155 2.38 9.33 -5.66
N TYR A 156 1.60 9.61 -4.61
CA TYR A 156 0.14 9.56 -4.75
C TYR A 156 -0.36 10.53 -5.81
N GLN A 157 0.21 11.73 -5.87
CA GLN A 157 -0.27 12.74 -6.81
C GLN A 157 0.03 12.33 -8.24
N GLU A 158 1.22 11.78 -8.50
CA GLU A 158 1.49 11.31 -9.85
C GLU A 158 0.55 10.18 -10.24
N ALA A 159 0.31 9.25 -9.33
CA ALA A 159 -0.65 8.17 -9.59
C ALA A 159 -2.04 8.73 -9.86
N MET A 160 -2.45 9.75 -9.09
CA MET A 160 -3.77 10.34 -9.30
C MET A 160 -3.86 10.97 -10.69
N ASP A 161 -2.81 11.71 -11.06
CA ASP A 161 -2.85 12.40 -12.36
C ASP A 161 -2.99 11.38 -13.49
N ILE A 162 -2.23 10.29 -13.45
CA ILE A 162 -2.35 9.27 -14.49
C ILE A 162 -3.73 8.63 -14.45
N SER A 163 -4.20 8.29 -13.25
CA SER A 163 -5.46 7.55 -13.13
C SER A 163 -6.62 8.37 -13.69
N LYS A 164 -6.61 9.67 -13.47
CA LYS A 164 -7.72 10.48 -13.92
C LYS A 164 -7.70 10.66 -15.43
N LYS A 165 -6.52 10.59 -16.06
CA LYS A 165 -6.41 10.68 -17.50
C LYS A 165 -6.66 9.34 -18.20
N GLU A 166 -6.31 8.22 -17.55
CA GLU A 166 -6.23 6.95 -18.27
C GLU A 166 -7.19 5.87 -17.82
N MET A 167 -7.88 6.03 -16.70
CA MET A 167 -8.76 4.99 -16.20
C MET A 167 -10.15 5.55 -15.95
N PRO A 168 -11.18 4.71 -16.06
CA PRO A 168 -12.53 5.16 -15.73
C PRO A 168 -12.65 5.37 -14.23
N PRO A 169 -13.63 6.17 -13.80
CA PRO A 169 -13.76 6.47 -12.38
C PRO A 169 -14.13 5.30 -11.54
N THR A 170 -14.57 4.18 -12.11
CA THR A 170 -14.87 2.99 -11.34
C THR A 170 -13.71 2.00 -11.27
N ASN A 171 -12.61 2.28 -11.96
CA ASN A 171 -11.52 1.30 -11.96
C ASN A 171 -11.07 1.04 -10.51
N PRO A 172 -11.01 -0.23 -10.07
CA PRO A 172 -10.70 -0.51 -8.67
C PRO A 172 -9.34 0.02 -8.19
N ILE A 173 -8.32 0.06 -9.06
CA ILE A 173 -7.05 0.63 -8.63
C ILE A 173 -7.18 2.13 -8.46
N ARG A 174 -7.86 2.80 -9.40
CA ARG A 174 -8.14 4.22 -9.25
C ARG A 174 -8.90 4.51 -7.95
N LEU A 175 -9.90 3.69 -7.64
CA LEU A 175 -10.66 3.87 -6.42
C LEU A 175 -9.82 3.63 -5.18
N GLY A 176 -9.02 2.55 -5.16
CA GLY A 176 -8.21 2.29 -3.98
C GLY A 176 -7.12 3.31 -3.78
N LEU A 177 -6.56 3.81 -4.87
CA LEU A 177 -5.62 4.93 -4.79
C LEU A 177 -6.26 6.13 -4.15
N ALA A 178 -7.46 6.50 -4.61
CA ALA A 178 -8.12 7.66 -4.02
C ALA A 178 -8.46 7.45 -2.56
N LEU A 179 -8.90 6.23 -2.22
CA LEU A 179 -9.15 5.92 -0.82
C LEU A 179 -7.89 6.13 0.02
N ASN A 180 -6.78 5.55 -0.43
CA ASN A 180 -5.56 5.61 0.40
C ASN A 180 -4.99 7.01 0.43
N PHE A 181 -5.10 7.78 -0.67
CA PHE A 181 -4.64 9.16 -0.65
C PHE A 181 -5.52 9.99 0.29
N SER A 182 -6.83 9.70 0.35
CA SER A 182 -7.68 10.39 1.31
C SER A 182 -7.27 10.08 2.74
N VAL A 183 -6.92 8.82 3.03
CA VAL A 183 -6.40 8.48 4.37
C VAL A 183 -5.10 9.22 4.65
N PHE A 184 -4.20 9.28 3.66
CA PHE A 184 -3.00 10.10 3.81
C PHE A 184 -3.37 11.53 4.22
N HIS A 185 -4.32 12.17 3.51
CA HIS A 185 -4.66 13.55 3.85
C HIS A 185 -5.19 13.66 5.27
N TYR A 186 -6.05 12.71 5.67
CA TYR A 186 -6.68 12.79 6.98
C TYR A 186 -5.70 12.49 8.10
N GLU A 187 -4.91 11.43 7.94
CA GLU A 187 -4.14 10.87 9.06
C GLU A 187 -2.72 11.39 9.11
N ILE A 188 -2.14 11.76 7.99
CA ILE A 188 -0.73 12.11 7.90
C ILE A 188 -0.53 13.60 7.68
N ALA A 189 -1.25 14.16 6.69
CA ALA A 189 -1.02 15.53 6.24
C ALA A 189 -1.85 16.55 7.02
N ASN A 190 -2.65 16.13 7.98
CA ASN A 190 -3.47 17.05 8.77
C ASN A 190 -4.36 17.90 7.86
N SER A 191 -4.94 17.26 6.85
CA SER A 191 -5.81 17.93 5.88
C SER A 191 -7.13 17.20 5.81
N PRO A 192 -7.90 17.17 6.91
CA PRO A 192 -9.18 16.44 6.87
C PRO A 192 -10.16 16.95 5.82
N GLU A 193 -10.22 18.25 5.56
CA GLU A 193 -11.13 18.74 4.52
C GLU A 193 -10.74 18.22 3.14
N GLU A 194 -9.44 18.15 2.84
CA GLU A 194 -9.01 17.58 1.57
C GLU A 194 -9.35 16.09 1.49
N ALA A 195 -9.22 15.39 2.61
CA ALA A 195 -9.59 13.96 2.67
C ALA A 195 -11.06 13.77 2.36
N ILE A 196 -11.92 14.56 2.99
CA ILE A 196 -13.36 14.45 2.80
C ILE A 196 -13.73 14.82 1.37
N SER A 197 -13.13 15.89 0.83
CA SER A 197 -13.49 16.31 -0.51
C SER A 197 -13.07 15.24 -1.52
N LEU A 198 -11.88 14.66 -1.34
CA LEU A 198 -11.43 13.64 -2.29
C LEU A 198 -12.32 12.40 -2.19
N ALA A 199 -12.65 11.97 -0.99
CA ALA A 199 -13.48 10.78 -0.86
C ALA A 199 -14.87 11.02 -1.47
N LYS A 200 -15.46 12.19 -1.24
CA LYS A 200 -16.80 12.50 -1.77
C LYS A 200 -16.79 12.55 -3.29
N THR A 201 -15.86 13.29 -3.86
CA THR A 201 -15.80 13.40 -5.32
C THR A 201 -15.53 12.03 -5.95
N THR A 202 -14.65 11.25 -5.35
CA THR A 202 -14.36 9.92 -5.90
C THR A 202 -15.59 9.05 -5.87
N PHE A 203 -16.32 9.07 -4.75
CA PHE A 203 -17.53 8.26 -4.61
C PHE A 203 -18.55 8.67 -5.66
N ASP A 204 -18.79 9.97 -5.78
CA ASP A 204 -19.85 10.46 -6.67
C ASP A 204 -19.53 10.19 -8.13
N GLU A 205 -18.26 10.33 -8.52
CA GLU A 205 -17.91 10.09 -9.89
C GLU A 205 -17.97 8.60 -10.22
N ALA A 206 -17.66 7.74 -9.24
CA ALA A 206 -17.82 6.31 -9.46
C ALA A 206 -19.29 5.92 -9.57
N MET A 207 -20.13 6.44 -8.67
CA MET A 207 -21.56 6.17 -8.74
C MET A 207 -22.11 6.42 -10.14
N ALA A 208 -21.74 7.54 -10.73
CA ALA A 208 -22.25 7.93 -12.03
C ALA A 208 -21.73 7.08 -13.18
N ASP A 209 -20.72 6.23 -12.95
CA ASP A 209 -20.14 5.36 -13.97
C ASP A 209 -20.52 3.90 -13.75
N LEU A 210 -21.22 3.56 -12.67
CA LEU A 210 -21.58 2.16 -12.43
C LEU A 210 -22.42 1.56 -13.55
N HIS A 211 -23.22 2.38 -14.24
CA HIS A 211 -24.14 1.86 -15.26
C HIS A 211 -23.40 1.19 -16.41
N THR A 212 -22.09 1.47 -16.55
CA THR A 212 -21.31 0.95 -17.68
C THR A 212 -20.75 -0.44 -17.42
N LEU A 213 -20.88 -0.95 -16.20
CA LEU A 213 -20.18 -2.13 -15.72
C LEU A 213 -21.01 -3.39 -15.79
N SER A 214 -20.32 -4.50 -16.01
CA SER A 214 -20.88 -5.82 -15.82
C SER A 214 -21.18 -6.07 -14.35
N GLU A 215 -21.88 -7.17 -14.09
CA GLU A 215 -22.21 -7.53 -12.72
C GLU A 215 -20.95 -7.76 -11.89
N ASP A 216 -19.94 -8.42 -12.46
CA ASP A 216 -18.74 -8.68 -11.68
C ASP A 216 -17.92 -7.42 -11.43
N SER A 217 -17.80 -6.54 -12.44
CA SER A 217 -17.08 -5.29 -12.24
C SER A 217 -17.83 -4.38 -11.25
N TYR A 218 -19.16 -4.36 -11.35
CA TYR A 218 -19.98 -3.63 -10.38
C TYR A 218 -19.66 -4.06 -8.96
N LYS A 219 -19.53 -5.37 -8.74
CA LYS A 219 -19.24 -5.85 -7.39
C LYS A 219 -17.88 -5.34 -6.91
N ASP A 220 -16.87 -5.37 -7.79
CA ASP A 220 -15.54 -4.91 -7.40
C ASP A 220 -15.55 -3.42 -7.07
N SER A 221 -16.17 -2.61 -7.92
CA SER A 221 -16.16 -1.16 -7.68
C SER A 221 -16.98 -0.77 -6.46
N THR A 222 -18.17 -1.35 -6.28
CA THR A 222 -19.01 -0.98 -5.15
C THR A 222 -18.38 -1.37 -3.82
N LEU A 223 -17.56 -2.43 -3.81
CA LEU A 223 -16.91 -2.78 -2.54
C LEU A 223 -15.99 -1.66 -2.08
N ILE A 224 -15.21 -1.08 -2.98
CA ILE A 224 -14.31 0.01 -2.57
C ILE A 224 -15.08 1.27 -2.30
N MET A 225 -16.16 1.51 -3.05
CA MET A 225 -16.97 2.68 -2.78
C MET A 225 -17.51 2.63 -1.35
N GLN A 226 -17.82 1.43 -0.85
CA GLN A 226 -18.34 1.33 0.50
C GLN A 226 -17.28 1.73 1.52
N LEU A 227 -16.01 1.40 1.26
CA LEU A 227 -14.91 1.85 2.11
C LEU A 227 -14.80 3.37 2.12
N LEU A 228 -14.97 4.01 0.95
CA LEU A 228 -14.97 5.48 0.92
C LEU A 228 -16.12 6.01 1.78
N ARG A 229 -17.31 5.42 1.64
CA ARG A 229 -18.46 5.86 2.41
C ARG A 229 -18.22 5.63 3.91
N ASP A 230 -17.61 4.49 4.26
CA ASP A 230 -17.32 4.21 5.67
C ASP A 230 -16.44 5.29 6.28
N ASN A 231 -15.43 5.75 5.52
CA ASN A 231 -14.58 6.82 6.03
C ASN A 231 -15.34 8.12 6.11
N LEU A 232 -16.12 8.45 5.07
CA LEU A 232 -16.89 9.69 5.14
C LEU A 232 -17.82 9.70 6.36
N THR A 233 -18.41 8.55 6.68
CA THR A 233 -19.27 8.46 7.87
C THR A 233 -18.48 8.73 9.14
N LEU A 234 -17.25 8.21 9.21
CA LEU A 234 -16.43 8.43 10.39
C LEU A 234 -15.92 9.87 10.47
N TRP A 235 -15.72 10.54 9.34
CA TRP A 235 -15.10 11.85 9.30
C TRP A 235 -16.09 13.00 9.34
N THR A 236 -17.38 12.73 9.13
CA THR A 236 -18.39 13.77 9.09
C THR A 236 -19.54 13.45 10.03
N ALA B 5 -10.03 5.65 10.39
CA ALA B 5 -10.03 5.71 8.93
C ALA B 5 -9.43 4.44 8.34
N GLY B 6 -10.14 3.83 7.39
CA GLY B 6 -9.67 2.62 6.77
C GLY B 6 -9.06 2.82 5.41
N ILE B 8 -7.31 0.63 2.03
CA ILE B 8 -7.54 -0.68 1.40
C ILE B 8 -6.95 -1.75 2.32
N PRO B 9 -7.75 -2.72 2.77
CA PRO B 9 -7.15 -3.83 3.55
C PRO B 9 -6.02 -4.49 2.78
N GLY B 10 -6.30 -4.96 1.56
CA GLY B 10 -5.26 -5.35 0.64
C GLY B 10 -4.48 -6.56 1.08
N ARG B 11 -5.07 -7.41 1.92
CA ARG B 11 -4.31 -8.49 2.54
C ARG B 11 -4.72 -9.87 2.04
N ARG B 12 -5.55 -9.95 1.00
CA ARG B 12 -5.97 -11.22 0.40
C ARG B 12 -5.99 -11.07 -1.11
N SER B 13 -5.30 -11.96 -1.82
CA SER B 13 -5.22 -11.86 -3.28
C SER B 13 -6.57 -12.17 -3.93
#